data_2ZV7
#
_entry.id   2ZV7
#
_cell.length_a   127.310
_cell.length_b   127.310
_cell.length_c   53.836
_cell.angle_alpha   90.00
_cell.angle_beta   90.00
_cell.angle_gamma   120.00
#
_symmetry.space_group_name_H-M   'H 3'
#
loop_
_entity.id
_entity.type
_entity.pdbx_description
1 polymer 'Tyrosine-protein kinase Lyn'
2 water water
#
_entity_poly.entity_id   1
_entity_poly.type   'polypeptide(L)'
_entity_poly.pdbx_seq_one_letter_code
;GAMDPAWEIPRESIKLVKKLGAGQFGEVWMGYYNNSTKVAVKTLKPGTMSVQAFLEEANLMKTLQHDKLVRLYAVVTKEE
PIYIITEFMAKGSLLDFLKSDEGGKVLLPKLIDFSAQIAEGMAYIERKNYIHRDLRAANVLVSESLMCKIADFGLARVIE
DNEYTAREGAKFPIKWTAPEAINFGCFTIKSNVWSFGILLYEIVTYGKIPYPGRTNADVMSALSQGYRMPRMENCPDELY
DIMKMCWKEKAEERPTFDYLQSVLDDFYTATEGQYQQQP
;
_entity_poly.pdbx_strand_id   A
#
# COMPACT_ATOMS: atom_id res chain seq x y z
N PRO A 5 10.49 -7.69 -22.95
CA PRO A 5 9.54 -8.79 -23.12
C PRO A 5 8.33 -8.38 -23.94
N ALA A 6 7.23 -9.09 -23.78
CA ALA A 6 5.91 -8.54 -24.04
C ALA A 6 5.41 -7.70 -22.87
N TRP A 7 6.22 -6.73 -22.46
CA TRP A 7 5.78 -5.72 -21.55
C TRP A 7 6.32 -4.43 -22.07
N GLU A 8 7.20 -4.52 -23.05
CA GLU A 8 7.68 -3.29 -23.68
C GLU A 8 6.71 -2.80 -24.75
N ILE A 9 6.39 -1.52 -24.68
CA ILE A 9 5.60 -0.83 -25.71
C ILE A 9 6.36 0.41 -26.15
N PRO A 10 6.17 0.84 -27.42
CA PRO A 10 6.83 2.06 -27.89
C PRO A 10 6.28 3.28 -27.18
N ARG A 11 7.13 4.28 -26.95
CA ARG A 11 6.77 5.53 -26.28
C ARG A 11 5.58 6.23 -26.94
N GLU A 12 5.44 6.03 -28.25
CA GLU A 12 4.46 6.76 -29.06
C GLU A 12 3.02 6.32 -28.77
N SER A 13 2.88 5.12 -28.21
CA SER A 13 1.56 4.57 -27.88
C SER A 13 1.10 4.98 -26.48
N ILE A 14 1.64 6.10 -26.00
CA ILE A 14 1.35 6.62 -24.68
C ILE A 14 1.34 8.14 -24.67
N LYS A 15 0.23 8.76 -24.28
CA LYS A 15 0.16 10.21 -24.22
C LYS A 15 -0.04 10.67 -22.78
N LEU A 16 0.86 11.51 -22.30
CA LEU A 16 0.77 12.06 -20.94
C LEU A 16 -0.05 13.36 -20.98
N VAL A 17 -1.13 13.38 -20.20
CA VAL A 17 -2.09 14.48 -20.25
C VAL A 17 -2.04 15.39 -19.02
N LYS A 18 -2.24 14.81 -17.84
CA LYS A 18 -2.30 15.58 -16.60
C LYS A 18 -1.33 15.05 -15.55
N LYS A 19 -0.55 15.96 -14.97
CA LYS A 19 0.40 15.62 -13.91
C LYS A 19 -0.34 15.44 -12.60
N LEU A 20 -0.05 14.33 -11.92
CA LEU A 20 -0.76 13.97 -10.68
C LEU A 20 0.08 14.20 -9.41
N GLY A 21 1.39 14.36 -9.57
CA GLY A 21 2.29 14.61 -8.46
C GLY A 21 3.72 14.26 -8.75
N ALA A 22 4.64 15.14 -8.34
CA ALA A 22 6.08 14.93 -8.52
C ALA A 22 6.73 14.41 -7.23
N GLY A 23 8.04 14.65 -7.09
CA GLY A 23 8.78 14.23 -5.91
C GLY A 23 10.26 14.01 -6.21
N GLN A 24 10.95 13.41 -5.26
CA GLN A 24 12.38 13.09 -5.42
C GLN A 24 12.57 11.91 -6.39
N PHE A 25 11.75 10.87 -6.21
CA PHE A 25 11.87 9.66 -7.03
C PHE A 25 11.40 9.85 -8.47
N GLY A 26 10.46 10.75 -8.68
CA GLY A 26 9.95 11.05 -10.03
C GLY A 26 8.52 11.54 -10.04
N GLU A 27 7.86 11.43 -11.19
CA GLU A 27 6.50 11.93 -11.37
C GLU A 27 5.47 10.82 -11.60
N VAL A 28 4.20 11.16 -11.38
CA VAL A 28 3.07 10.28 -11.70
C VAL A 28 2.08 11.05 -12.59
N TRP A 29 1.68 10.43 -13.70
CA TRP A 29 0.83 11.07 -14.70
C TRP A 29 -0.40 10.25 -15.07
N MET A 30 -1.47 10.94 -15.48
CA MET A 30 -2.62 10.31 -16.10
C MET A 30 -2.42 10.37 -17.61
N GLY A 31 -2.61 9.23 -18.27
CA GLY A 31 -2.44 9.17 -19.72
C GLY A 31 -3.35 8.19 -20.43
N TYR A 32 -2.99 7.86 -21.67
CA TYR A 32 -3.71 6.87 -22.47
C TYR A 32 -2.75 5.98 -23.24
N TYR A 33 -2.99 4.69 -23.24
CA TYR A 33 -2.29 3.84 -24.16
C TYR A 33 -3.13 3.61 -25.39
N ASN A 34 -2.69 4.13 -26.52
CA ASN A 34 -3.46 3.94 -27.73
C ASN A 34 -4.81 4.57 -27.55
N ASN A 35 -4.83 5.74 -26.96
CA ASN A 35 -6.04 6.51 -26.94
C ASN A 35 -7.17 5.88 -26.16
N SER A 36 -7.39 4.57 -26.29
CA SER A 36 -8.56 3.94 -25.71
C SER A 36 -8.57 3.69 -24.21
N THR A 37 -7.49 3.14 -23.67
CA THR A 37 -7.42 2.76 -22.26
C THR A 37 -6.80 3.88 -21.42
N LYS A 38 -7.51 4.27 -20.36
CA LYS A 38 -7.00 5.25 -19.41
C LYS A 38 -5.97 4.58 -18.50
N VAL A 39 -4.76 5.13 -18.47
CA VAL A 39 -3.66 4.54 -17.69
C VAL A 39 -3.04 5.51 -16.71
N ALA A 40 -2.16 5.00 -15.85
CA ALA A 40 -1.29 5.80 -15.00
C ALA A 40 0.17 5.57 -15.39
N VAL A 41 0.93 6.66 -15.54
CA VAL A 41 2.32 6.60 -15.95
C VAL A 41 3.22 7.06 -14.81
N LYS A 42 4.07 6.17 -14.32
CA LYS A 42 5.06 6.55 -13.32
C LYS A 42 6.37 6.85 -14.02
N THR A 43 6.82 8.10 -13.90
CA THR A 43 8.03 8.57 -14.56
C THR A 43 9.21 8.57 -13.60
N LEU A 44 10.32 7.97 -14.03
CA LEU A 44 11.57 8.01 -13.29
C LEU A 44 12.32 9.29 -13.61
N LYS A 45 12.56 10.11 -12.58
CA LYS A 45 13.46 11.25 -12.71
C LYS A 45 14.89 10.71 -12.66
N PRO A 46 15.64 10.84 -13.79
CA PRO A 46 16.93 10.18 -13.97
C PRO A 46 18.00 10.66 -12.98
N GLY A 47 18.85 9.74 -12.55
CA GLY A 47 19.89 10.05 -11.57
C GLY A 47 19.51 9.58 -10.18
N THR A 48 18.23 9.74 -9.84
CA THR A 48 17.70 9.37 -8.52
C THR A 48 17.97 7.91 -8.19
N MET A 49 17.15 7.02 -8.77
CA MET A 49 17.29 5.58 -8.61
C MET A 49 18.08 5.02 -9.79
N SER A 50 18.45 3.75 -9.69
CA SER A 50 18.90 3.01 -10.86
C SER A 50 17.68 2.62 -11.69
N VAL A 51 17.92 2.22 -12.94
CA VAL A 51 16.84 1.78 -13.80
C VAL A 51 16.37 0.37 -13.42
N GLN A 52 17.29 -0.47 -12.97
CA GLN A 52 16.93 -1.80 -12.46
C GLN A 52 16.04 -1.71 -11.23
N ALA A 53 16.40 -0.80 -10.33
CA ALA A 53 15.73 -0.66 -9.03
C ALA A 53 14.36 -0.03 -9.20
N PHE A 54 14.25 0.95 -10.09
CA PHE A 54 12.96 1.55 -10.42
C PHE A 54 12.02 0.53 -11.08
N LEU A 55 12.60 -0.37 -11.90
CA LEU A 55 11.82 -1.38 -12.61
C LEU A 55 11.51 -2.64 -11.78
N GLU A 56 12.16 -2.77 -10.63
CA GLU A 56 11.92 -3.91 -9.73
C GLU A 56 10.45 -3.97 -9.30
N GLU A 57 9.83 -2.81 -9.11
CA GLU A 57 8.43 -2.71 -8.75
C GLU A 57 7.58 -3.39 -9.83
N ALA A 58 7.73 -2.91 -11.07
CA ALA A 58 7.08 -3.49 -12.24
C ALA A 58 7.44 -4.96 -12.43
N ASN A 59 8.72 -5.29 -12.24
CA ASN A 59 9.18 -6.68 -12.31
C ASN A 59 8.40 -7.60 -11.38
N LEU A 60 8.10 -7.12 -10.19
CA LEU A 60 7.30 -7.88 -9.23
C LEU A 60 5.85 -7.98 -9.68
N MET A 61 5.32 -6.88 -10.22
CA MET A 61 3.92 -6.81 -10.68
C MET A 61 3.62 -7.81 -11.81
N LYS A 62 4.67 -8.25 -12.50
CA LYS A 62 4.56 -9.29 -13.54
C LYS A 62 4.09 -10.63 -12.97
N THR A 63 4.42 -10.88 -11.71
CA THR A 63 4.10 -12.14 -11.04
C THR A 63 2.86 -11.99 -10.17
N LEU A 64 2.72 -10.84 -9.53
CA LEU A 64 1.61 -10.60 -8.60
C LEU A 64 0.44 -9.92 -9.30
N GLN A 65 -0.53 -10.73 -9.71
CA GLN A 65 -1.70 -10.25 -10.45
C GLN A 65 -3.00 -10.70 -9.80
N HIS A 66 -3.81 -9.74 -9.39
CA HIS A 66 -5.04 -9.98 -8.64
C HIS A 66 -5.89 -8.72 -8.74
N ASP A 67 -7.20 -8.89 -8.54
CA ASP A 67 -8.17 -7.80 -8.65
C ASP A 67 -7.96 -6.67 -7.62
N LYS A 68 -7.43 -7.03 -6.45
CA LYS A 68 -7.22 -6.06 -5.38
C LYS A 68 -5.75 -5.59 -5.30
N LEU A 69 -5.04 -5.79 -6.41
CA LEU A 69 -3.67 -5.30 -6.59
C LEU A 69 -3.64 -4.54 -7.90
N VAL A 70 -3.03 -3.35 -7.89
CA VAL A 70 -2.89 -2.55 -9.11
C VAL A 70 -2.14 -3.37 -10.14
N ARG A 71 -2.65 -3.39 -11.36
CA ARG A 71 -2.11 -4.20 -12.44
C ARG A 71 -1.14 -3.41 -13.31
N LEU A 72 -0.10 -4.09 -13.78
CA LEU A 72 0.85 -3.49 -14.72
C LEU A 72 0.37 -3.76 -16.14
N TYR A 73 0.35 -2.72 -16.97
CA TYR A 73 -0.04 -2.88 -18.37
C TYR A 73 1.17 -3.03 -19.28
N ALA A 74 2.23 -2.29 -18.98
CA ALA A 74 3.43 -2.23 -19.83
C ALA A 74 4.51 -1.29 -19.27
N VAL A 75 5.66 -1.25 -19.95
CA VAL A 75 6.77 -0.35 -19.62
C VAL A 75 7.40 0.29 -20.86
N VAL A 76 7.98 1.47 -20.67
CA VAL A 76 8.83 2.11 -21.67
C VAL A 76 10.24 2.22 -21.09
N THR A 77 11.15 1.37 -21.57
CA THR A 77 12.51 1.30 -21.04
C THR A 77 13.58 1.52 -22.10
N LYS A 78 13.14 1.56 -23.36
CA LYS A 78 14.04 1.66 -24.52
C LYS A 78 14.88 2.94 -24.53
N GLU A 79 14.33 4.03 -24.03
CA GLU A 79 15.01 5.33 -24.06
C GLU A 79 14.96 6.06 -22.72
N GLU A 80 15.90 6.99 -22.54
CA GLU A 80 16.20 7.66 -21.24
C GLU A 80 15.06 7.88 -20.23
N PRO A 81 13.97 8.57 -20.62
CA PRO A 81 12.86 8.68 -19.66
C PRO A 81 12.07 7.38 -19.55
N ILE A 82 12.29 6.61 -18.49
CA ILE A 82 11.62 5.33 -18.28
C ILE A 82 10.22 5.50 -17.68
N TYR A 83 9.25 4.78 -18.23
CA TYR A 83 7.86 4.81 -17.74
C TYR A 83 7.44 3.45 -17.18
N ILE A 84 6.59 3.49 -16.14
CA ILE A 84 5.88 2.31 -15.66
C ILE A 84 4.38 2.56 -15.83
N ILE A 85 3.74 1.77 -16.70
CA ILE A 85 2.33 1.95 -17.06
C ILE A 85 1.43 0.96 -16.29
N THR A 86 0.56 1.51 -15.44
CA THR A 86 -0.33 0.73 -14.57
C THR A 86 -1.79 1.18 -14.69
N GLU A 87 -2.70 0.42 -14.07
CA GLU A 87 -4.13 0.76 -14.13
C GLU A 87 -4.43 2.03 -13.35
N PHE A 88 -5.28 2.87 -13.94
CA PHE A 88 -5.59 4.18 -13.41
C PHE A 88 -6.54 4.08 -12.23
N MET A 89 -6.23 4.82 -11.17
CA MET A 89 -7.02 4.83 -9.95
C MET A 89 -7.47 6.25 -9.66
N ALA A 90 -8.75 6.50 -9.92
CA ALA A 90 -9.29 7.84 -10.05
C ALA A 90 -9.23 8.69 -8.80
N LYS A 91 -9.39 8.06 -7.64
CA LYS A 91 -9.49 8.79 -6.36
C LYS A 91 -8.16 8.92 -5.62
N GLY A 92 -7.07 8.52 -6.27
CA GLY A 92 -5.74 8.65 -5.70
C GLY A 92 -5.52 7.66 -4.58
N SER A 93 -4.53 7.93 -3.74
CA SER A 93 -4.25 7.03 -2.62
C SER A 93 -5.41 7.04 -1.63
N LEU A 94 -5.52 5.97 -0.84
CA LEU A 94 -6.52 5.91 0.21
C LEU A 94 -6.31 7.04 1.24
N LEU A 95 -5.05 7.35 1.53
CA LEU A 95 -4.71 8.44 2.46
C LEU A 95 -5.29 9.77 1.98
N ASP A 96 -4.96 10.16 0.74
CA ASP A 96 -5.44 11.40 0.16
C ASP A 96 -6.96 11.44 0.14
N PHE A 97 -7.55 10.32 -0.27
CA PHE A 97 -9.00 10.22 -0.37
C PHE A 97 -9.70 10.39 0.98
N LEU A 98 -9.24 9.68 2.00
CA LEU A 98 -9.83 9.76 3.34
C LEU A 98 -9.75 11.17 3.91
N LYS A 99 -8.68 11.88 3.56
CA LYS A 99 -8.48 13.26 4.03
C LYS A 99 -9.25 14.30 3.24
N SER A 100 -9.72 13.95 2.04
CA SER A 100 -10.47 14.89 1.21
C SER A 100 -11.87 15.13 1.77
N ASP A 101 -12.51 16.20 1.31
CA ASP A 101 -13.84 16.57 1.77
C ASP A 101 -14.85 15.47 1.48
N GLU A 102 -14.72 14.86 0.29
CA GLU A 102 -15.54 13.72 -0.11
C GLU A 102 -15.27 12.49 0.77
N GLY A 103 -14.01 12.28 1.11
CA GLY A 103 -13.62 11.14 1.95
C GLY A 103 -14.08 11.25 3.39
N GLY A 104 -14.10 12.46 3.94
CA GLY A 104 -14.59 12.70 5.29
C GLY A 104 -16.08 12.43 5.47
N LYS A 105 -16.79 12.29 4.35
CA LYS A 105 -18.23 12.02 4.35
C LYS A 105 -18.56 10.52 4.26
N VAL A 106 -17.54 9.71 4.00
CA VAL A 106 -17.72 8.25 3.92
C VAL A 106 -17.85 7.65 5.32
N LEU A 107 -19.00 7.03 5.59
CA LEU A 107 -19.24 6.43 6.90
C LEU A 107 -18.60 5.07 7.09
N LEU A 108 -18.75 4.54 8.31
CA LEU A 108 -18.10 3.31 8.75
C LEU A 108 -18.34 2.07 7.85
N PRO A 109 -19.58 1.87 7.35
CA PRO A 109 -19.81 0.70 6.49
C PRO A 109 -18.80 0.55 5.35
N LYS A 110 -18.50 1.65 4.67
CA LYS A 110 -17.57 1.60 3.53
C LYS A 110 -16.11 1.61 3.99
N LEU A 111 -15.86 2.09 5.20
CA LEU A 111 -14.52 1.99 5.77
C LEU A 111 -14.17 0.52 6.03
N ILE A 112 -15.08 -0.22 6.66
CA ILE A 112 -14.90 -1.66 6.90
C ILE A 112 -14.73 -2.39 5.57
N ASP A 113 -15.50 -1.98 4.57
CA ASP A 113 -15.35 -2.50 3.21
C ASP A 113 -13.94 -2.27 2.67
N PHE A 114 -13.52 -1.00 2.59
CA PHE A 114 -12.15 -0.63 2.22
C PHE A 114 -11.15 -1.57 2.87
N SER A 115 -11.27 -1.69 4.19
CA SER A 115 -10.42 -2.52 5.01
C SER A 115 -10.43 -4.01 4.61
N ALA A 116 -11.62 -4.53 4.32
CA ALA A 116 -11.78 -5.94 3.96
C ALA A 116 -11.27 -6.25 2.56
N GLN A 117 -11.25 -5.23 1.70
CA GLN A 117 -10.74 -5.35 0.34
C GLN A 117 -9.22 -5.47 0.34
N ILE A 118 -8.58 -4.71 1.22
CA ILE A 118 -7.12 -4.69 1.36
C ILE A 118 -6.64 -6.02 1.94
N ALA A 119 -7.37 -6.52 2.93
CA ALA A 119 -7.12 -7.83 3.52
C ALA A 119 -7.26 -8.95 2.47
N GLU A 120 -8.12 -8.73 1.48
CA GLU A 120 -8.30 -9.66 0.38
C GLU A 120 -7.04 -9.69 -0.50
N GLY A 121 -6.57 -8.50 -0.90
CA GLY A 121 -5.35 -8.38 -1.69
C GLY A 121 -4.12 -8.93 -1.00
N MET A 122 -4.04 -8.71 0.31
CA MET A 122 -2.95 -9.25 1.12
C MET A 122 -3.00 -10.78 1.24
N ALA A 123 -4.21 -11.33 1.34
CA ALA A 123 -4.40 -12.77 1.44
C ALA A 123 -3.88 -13.48 0.20
N TYR A 124 -3.94 -12.79 -0.94
CA TYR A 124 -3.36 -13.30 -2.19
C TYR A 124 -1.84 -13.30 -2.11
N ILE A 125 -1.28 -12.17 -1.69
CA ILE A 125 0.15 -11.99 -1.52
C ILE A 125 0.75 -13.05 -0.61
N GLU A 126 0.08 -13.33 0.51
CA GLU A 126 0.57 -14.35 1.43
C GLU A 126 0.40 -15.77 0.90
N ARG A 127 -0.65 -15.98 0.11
CA ARG A 127 -0.93 -17.27 -0.52
C ARG A 127 0.09 -17.54 -1.62
N LYS A 128 0.58 -16.46 -2.21
CA LYS A 128 1.62 -16.50 -3.24
C LYS A 128 3.01 -16.59 -2.59
N ASN A 129 3.05 -16.66 -1.26
CA ASN A 129 4.28 -16.70 -0.46
C ASN A 129 5.18 -15.45 -0.55
N TYR A 130 4.55 -14.30 -0.76
CA TYR A 130 5.26 -13.03 -0.86
C TYR A 130 5.01 -12.16 0.37
N ILE A 131 5.85 -11.14 0.54
CA ILE A 131 5.66 -10.09 1.56
C ILE A 131 5.76 -8.72 0.90
N HIS A 132 4.98 -7.77 1.43
CA HIS A 132 4.91 -6.42 0.88
C HIS A 132 5.91 -5.50 1.58
N ARG A 133 5.84 -5.44 2.91
CA ARG A 133 6.79 -4.70 3.76
C ARG A 133 6.55 -3.19 3.83
N ASP A 134 5.63 -2.69 3.01
CA ASP A 134 5.37 -1.26 2.93
C ASP A 134 3.86 -1.02 2.86
N LEU A 135 3.13 -1.70 3.74
CA LEU A 135 1.67 -1.70 3.69
C LEU A 135 1.08 -0.58 4.54
N ARG A 136 0.47 0.38 3.87
CA ARG A 136 -0.05 1.58 4.49
C ARG A 136 -0.97 2.31 3.51
N ALA A 137 -1.77 3.24 4.03
CA ALA A 137 -2.84 3.86 3.25
C ALA A 137 -2.36 4.66 2.05
N ALA A 138 -1.13 5.19 2.13
CA ALA A 138 -0.57 5.97 1.01
C ALA A 138 -0.16 5.06 -0.14
N ASN A 139 -0.06 3.75 0.15
CA ASN A 139 0.33 2.75 -0.83
C ASN A 139 -0.86 1.87 -1.23
N VAL A 140 -2.05 2.38 -0.96
CA VAL A 140 -3.30 1.78 -1.40
C VAL A 140 -3.98 2.83 -2.27
N LEU A 141 -4.45 2.41 -3.44
CA LEU A 141 -5.07 3.33 -4.39
C LEU A 141 -6.57 3.05 -4.51
N VAL A 142 -7.34 4.13 -4.70
CA VAL A 142 -8.81 4.04 -4.78
C VAL A 142 -9.35 4.41 -6.18
N SER A 143 -10.15 3.52 -6.76
CA SER A 143 -10.73 3.77 -8.08
C SER A 143 -11.98 4.64 -7.98
N GLU A 144 -12.59 4.93 -9.13
CA GLU A 144 -13.84 5.72 -9.21
C GLU A 144 -15.01 5.01 -8.52
N SER A 145 -15.14 3.71 -8.73
CA SER A 145 -16.17 2.90 -8.06
C SER A 145 -15.83 2.64 -6.59
N LEU A 146 -14.82 3.34 -6.08
CA LEU A 146 -14.33 3.22 -4.70
C LEU A 146 -13.85 1.81 -4.35
N MET A 147 -13.13 1.20 -5.29
CA MET A 147 -12.43 -0.06 -5.07
C MET A 147 -11.02 0.25 -4.55
N CYS A 148 -10.55 -0.57 -3.62
CA CYS A 148 -9.19 -0.45 -3.10
C CYS A 148 -8.26 -1.46 -3.73
N LYS A 149 -7.06 -1.00 -4.09
CA LYS A 149 -6.04 -1.87 -4.63
C LYS A 149 -4.69 -1.50 -4.05
N ILE A 150 -3.96 -2.52 -3.59
CA ILE A 150 -2.59 -2.35 -3.12
C ILE A 150 -1.70 -1.93 -4.29
N ALA A 151 -0.91 -0.88 -4.07
CA ALA A 151 0.06 -0.42 -5.05
C ALA A 151 1.44 -0.40 -4.37
N ASP A 152 2.43 0.21 -5.03
CA ASP A 152 3.80 0.32 -4.48
C ASP A 152 4.38 -1.00 -3.99
N PHE A 153 4.93 -1.78 -4.91
CA PHE A 153 5.53 -3.05 -4.58
C PHE A 153 7.05 -2.93 -4.56
N GLY A 154 7.53 -1.70 -4.34
CA GLY A 154 8.96 -1.39 -4.35
C GLY A 154 9.75 -2.14 -3.31
N LEU A 155 9.10 -2.42 -2.17
CA LEU A 155 9.72 -3.13 -1.04
C LEU A 155 9.27 -4.59 -0.93
N ALA A 156 8.43 -5.02 -1.87
CA ALA A 156 7.89 -6.39 -1.85
C ALA A 156 8.95 -7.42 -2.24
N ARG A 157 9.03 -8.51 -1.49
CA ARG A 157 10.02 -9.57 -1.73
C ARG A 157 9.37 -10.94 -1.65
N VAL A 158 10.02 -11.94 -2.25
CA VAL A 158 9.65 -13.34 -2.04
C VAL A 158 10.35 -13.88 -0.79
N ILE A 159 9.59 -14.47 0.11
CA ILE A 159 10.13 -14.98 1.37
C ILE A 159 10.06 -16.51 1.43
N ARG A 167 17.57 -3.69 -1.01
CA ARG A 167 16.43 -2.79 -1.04
C ARG A 167 16.66 -1.61 -1.97
N GLU A 168 17.93 -1.37 -2.30
CA GLU A 168 18.29 -0.30 -3.24
C GLU A 168 17.29 0.84 -3.18
N GLY A 169 17.10 1.40 -1.98
CA GLY A 169 17.08 2.84 -1.81
C GLY A 169 15.68 3.36 -1.46
N ALA A 170 14.98 2.61 -0.61
CA ALA A 170 13.70 3.06 -0.08
C ALA A 170 13.44 2.47 1.31
N LYS A 171 13.19 3.34 2.28
CA LYS A 171 13.20 2.95 3.68
C LYS A 171 11.87 2.34 4.10
N PHE A 172 11.93 1.34 4.96
CA PHE A 172 10.73 0.79 5.58
C PHE A 172 9.99 1.86 6.39
N PRO A 173 8.67 1.82 6.33
CA PRO A 173 7.84 2.78 7.06
C PRO A 173 7.84 2.44 8.55
N ILE A 174 8.71 3.10 9.30
CA ILE A 174 8.95 2.77 10.71
C ILE A 174 7.65 2.64 11.50
N LYS A 175 6.79 3.65 11.40
CA LYS A 175 5.55 3.69 12.17
C LYS A 175 4.53 2.61 11.77
N TRP A 176 4.83 1.84 10.71
CA TRP A 176 3.95 0.74 10.27
C TRP A 176 4.62 -0.63 10.40
N THR A 177 5.89 -0.64 10.80
CA THR A 177 6.72 -1.85 10.79
C THR A 177 6.68 -2.59 12.14
N ALA A 178 6.56 -3.92 12.08
CA ALA A 178 6.43 -4.76 13.28
C ALA A 178 7.70 -4.76 14.13
N PRO A 179 7.57 -4.90 15.46
CA PRO A 179 8.72 -4.79 16.36
C PRO A 179 9.83 -5.79 16.07
N GLU A 180 9.47 -7.03 15.74
CA GLU A 180 10.50 -8.03 15.46
C GLU A 180 11.22 -7.72 14.14
N ALA A 181 10.55 -6.97 13.26
CA ALA A 181 11.16 -6.53 12.03
C ALA A 181 12.15 -5.38 12.27
N ILE A 182 11.74 -4.41 13.10
CA ILE A 182 12.62 -3.30 13.47
C ILE A 182 13.85 -3.79 14.23
N ASN A 183 13.63 -4.58 15.27
CA ASN A 183 14.70 -4.95 16.19
C ASN A 183 15.54 -6.16 15.79
N PHE A 184 14.95 -7.07 15.03
CA PHE A 184 15.65 -8.30 14.64
C PHE A 184 15.69 -8.52 13.13
N GLY A 185 15.17 -7.55 12.39
CA GLY A 185 15.14 -7.63 10.92
C GLY A 185 14.34 -8.81 10.39
N CYS A 186 13.32 -9.22 11.14
CA CYS A 186 12.50 -10.36 10.74
C CYS A 186 11.25 -9.87 10.03
N PHE A 187 11.31 -9.86 8.71
CA PHE A 187 10.18 -9.50 7.88
C PHE A 187 9.50 -10.77 7.40
N THR A 188 8.23 -10.94 7.78
CA THR A 188 7.42 -12.10 7.40
C THR A 188 6.04 -11.61 7.03
N ILE A 189 5.15 -12.52 6.65
CA ILE A 189 3.78 -12.12 6.37
C ILE A 189 3.06 -11.62 7.64
N LYS A 190 3.54 -12.07 8.80
CA LYS A 190 2.99 -11.64 10.07
C LYS A 190 3.35 -10.19 10.39
N SER A 191 4.47 -9.69 9.84
CA SER A 191 4.82 -8.29 10.01
C SER A 191 3.94 -7.41 9.14
N ASN A 192 3.58 -7.90 7.95
CA ASN A 192 2.56 -7.25 7.14
C ASN A 192 1.20 -7.19 7.86
N VAL A 193 0.88 -8.25 8.63
CA VAL A 193 -0.32 -8.25 9.47
C VAL A 193 -0.29 -7.11 10.49
N TRP A 194 0.87 -6.89 11.11
CA TRP A 194 1.08 -5.71 11.98
C TRP A 194 0.77 -4.43 11.22
N SER A 195 1.49 -4.19 10.12
CA SER A 195 1.26 -3.04 9.24
C SER A 195 -0.21 -2.84 8.94
N PHE A 196 -0.91 -3.94 8.67
CA PHE A 196 -2.35 -3.88 8.35
C PHE A 196 -3.16 -3.32 9.53
N GLY A 197 -2.79 -3.69 10.76
CA GLY A 197 -3.39 -3.12 11.95
C GLY A 197 -3.27 -1.61 12.00
N ILE A 198 -2.07 -1.10 11.73
CA ILE A 198 -1.85 0.35 11.67
C ILE A 198 -2.64 0.97 10.52
N LEU A 199 -2.78 0.24 9.42
CA LEU A 199 -3.58 0.69 8.28
C LEU A 199 -5.07 0.85 8.66
N LEU A 200 -5.59 -0.07 9.47
CA LEU A 200 -6.93 0.07 10.06
C LEU A 200 -7.07 1.35 10.86
N TYR A 201 -6.02 1.70 11.62
CA TYR A 201 -5.99 2.95 12.38
C TYR A 201 -6.13 4.15 11.43
N GLU A 202 -5.41 4.15 10.31
CA GLU A 202 -5.50 5.22 9.31
C GLU A 202 -6.90 5.37 8.71
N ILE A 203 -7.55 4.24 8.48
CA ILE A 203 -8.89 4.22 7.89
C ILE A 203 -9.91 4.81 8.86
N VAL A 204 -9.89 4.30 10.09
CA VAL A 204 -10.90 4.67 11.09
C VAL A 204 -10.72 6.12 11.59
N THR A 205 -9.55 6.69 11.36
CA THR A 205 -9.28 8.08 11.80
C THR A 205 -9.28 9.06 10.64
N TYR A 206 -9.47 8.56 9.42
CA TYR A 206 -9.49 9.36 8.19
C TYR A 206 -8.12 9.94 7.84
N GLY A 207 -7.09 9.10 7.91
CA GLY A 207 -5.76 9.45 7.41
C GLY A 207 -4.82 10.14 8.39
N LYS A 208 -5.14 10.03 9.67
CA LYS A 208 -4.28 10.54 10.71
C LYS A 208 -2.95 9.79 10.73
N ILE A 209 -1.89 10.45 11.16
CA ILE A 209 -0.58 9.80 11.25
C ILE A 209 -0.57 8.83 12.46
N PRO A 210 0.08 7.66 12.33
CA PRO A 210 0.27 6.84 13.54
C PRO A 210 1.12 7.52 14.59
N TYR A 211 0.79 7.25 15.86
CA TYR A 211 1.50 7.75 17.02
C TYR A 211 1.66 9.26 17.03
N PRO A 212 0.52 9.99 17.01
CA PRO A 212 0.57 11.46 16.94
C PRO A 212 1.55 12.04 17.96
N GLY A 213 2.35 13.01 17.51
CA GLY A 213 3.30 13.69 18.39
C GLY A 213 4.47 12.84 18.84
N ARG A 214 4.70 11.73 18.15
CA ARG A 214 5.86 10.88 18.43
C ARG A 214 6.75 10.76 17.21
N THR A 215 8.03 11.04 17.42
CA THR A 215 9.03 10.89 16.37
C THR A 215 9.17 9.39 16.09
N ASN A 216 9.82 9.03 14.97
CA ASN A 216 10.08 7.61 14.69
C ASN A 216 10.85 6.93 15.81
N ALA A 217 11.78 7.66 16.43
CA ALA A 217 12.62 7.12 17.50
C ALA A 217 11.85 6.85 18.80
N ASP A 218 10.96 7.77 19.18
CA ASP A 218 10.07 7.58 20.33
C ASP A 218 9.33 6.27 20.18
N VAL A 219 8.83 6.03 18.97
CA VAL A 219 8.02 4.86 18.64
C VAL A 219 8.77 3.55 18.80
N MET A 220 9.93 3.41 18.14
CA MET A 220 10.67 2.14 18.23
C MET A 220 11.31 1.90 19.61
N SER A 221 11.46 2.97 20.39
CA SER A 221 11.81 2.85 21.81
C SER A 221 10.60 2.38 22.61
N ALA A 222 9.43 2.96 22.33
CA ALA A 222 8.21 2.66 23.06
C ALA A 222 7.71 1.25 22.79
N LEU A 223 7.94 0.75 21.56
CA LEU A 223 7.58 -0.60 21.15
C LEU A 223 8.45 -1.67 21.81
N SER A 224 9.67 -1.29 22.18
CA SER A 224 10.53 -2.17 22.96
C SER A 224 10.13 -2.18 24.45
N GLN A 225 9.24 -1.26 24.83
CA GLN A 225 8.63 -1.26 26.17
C GLN A 225 7.16 -1.72 26.11
N GLY A 226 6.76 -2.25 24.96
CA GLY A 226 5.42 -2.79 24.78
C GLY A 226 4.29 -1.78 24.73
N TYR A 227 4.44 -0.75 23.90
CA TYR A 227 3.40 0.25 23.70
C TYR A 227 2.46 -0.12 22.55
N ARG A 228 1.17 0.14 22.74
CA ARG A 228 0.19 0.07 21.65
C ARG A 228 -0.71 1.28 21.74
N MET A 229 -1.06 1.83 20.58
CA MET A 229 -2.00 2.92 20.49
C MET A 229 -3.33 2.54 21.14
N PRO A 230 -3.83 3.40 22.05
CA PRO A 230 -5.07 3.11 22.79
C PRO A 230 -6.29 3.26 21.88
N ARG A 231 -7.38 2.60 22.25
CA ARG A 231 -8.64 2.66 21.49
C ARG A 231 -8.93 4.09 21.04
N MET A 232 -9.07 4.27 19.74
CA MET A 232 -9.20 5.58 19.16
C MET A 232 -10.66 6.01 19.04
N GLU A 233 -10.92 7.30 19.19
CA GLU A 233 -12.30 7.79 19.21
C GLU A 233 -13.05 7.43 17.93
N ASN A 234 -14.33 7.10 18.06
CA ASN A 234 -15.16 6.64 16.94
C ASN A 234 -14.70 5.33 16.31
N CYS A 235 -14.16 4.43 17.14
CA CYS A 235 -13.75 3.10 16.70
C CYS A 235 -14.48 2.03 17.51
N PRO A 236 -15.29 1.19 16.83
CA PRO A 236 -16.07 0.12 17.48
C PRO A 236 -15.19 -0.86 18.23
N ASP A 237 -15.67 -1.31 19.39
CA ASP A 237 -14.97 -2.29 20.22
C ASP A 237 -14.40 -3.43 19.36
N GLU A 238 -15.25 -3.99 18.51
CA GLU A 238 -14.91 -5.14 17.68
C GLU A 238 -13.76 -4.84 16.73
N LEU A 239 -13.76 -3.63 16.16
CA LEU A 239 -12.71 -3.22 15.21
C LEU A 239 -11.38 -2.94 15.90
N TYR A 240 -11.44 -2.50 17.16
CA TYR A 240 -10.22 -2.32 17.95
C TYR A 240 -9.62 -3.68 18.30
N ASP A 241 -10.49 -4.65 18.55
CA ASP A 241 -10.08 -6.03 18.80
C ASP A 241 -9.37 -6.64 17.60
N ILE A 242 -9.81 -6.25 16.40
CA ILE A 242 -9.13 -6.64 15.15
C ILE A 242 -7.70 -6.09 15.15
N MET A 243 -7.55 -4.79 15.46
CA MET A 243 -6.24 -4.15 15.53
C MET A 243 -5.33 -4.81 16.57
N LYS A 244 -5.88 -5.04 17.77
CA LYS A 244 -5.12 -5.62 18.88
C LYS A 244 -4.66 -7.04 18.55
N MET A 245 -5.38 -7.67 17.62
CA MET A 245 -5.05 -9.00 17.15
C MET A 245 -3.88 -8.94 16.19
N CYS A 246 -3.83 -7.88 15.39
CA CYS A 246 -2.72 -7.63 14.47
C CYS A 246 -1.48 -7.14 15.19
N TRP A 247 -1.65 -6.60 16.39
CA TRP A 247 -0.53 -6.04 17.15
C TRP A 247 -0.02 -6.95 18.28
N LYS A 248 -0.34 -8.24 18.22
CA LYS A 248 0.18 -9.18 19.21
C LYS A 248 1.71 -9.22 19.18
N GLU A 249 2.32 -9.22 20.36
CA GLU A 249 3.77 -9.26 20.49
C GLU A 249 4.36 -10.40 19.67
N LYS A 250 3.88 -11.62 19.93
CA LYS A 250 4.32 -12.79 19.21
C LYS A 250 3.74 -12.85 17.79
N ALA A 251 4.62 -12.73 16.81
CA ALA A 251 4.28 -12.84 15.38
C ALA A 251 3.40 -14.06 15.07
N GLU A 252 3.79 -15.23 15.59
CA GLU A 252 3.06 -16.48 15.36
C GLU A 252 1.62 -16.46 15.89
N GLU A 253 1.33 -15.51 16.78
CA GLU A 253 0.01 -15.42 17.42
C GLU A 253 -0.89 -14.38 16.75
N ARG A 254 -0.44 -13.84 15.62
CA ARG A 254 -1.21 -12.88 14.85
C ARG A 254 -1.99 -13.61 13.76
N PRO A 255 -3.18 -13.10 13.39
CA PRO A 255 -4.05 -13.90 12.52
C PRO A 255 -3.58 -13.89 11.07
N THR A 256 -4.07 -14.82 10.27
CA THR A 256 -3.80 -14.85 8.85
C THR A 256 -4.64 -13.77 8.15
N PHE A 257 -4.17 -13.30 6.99
CA PHE A 257 -4.94 -12.36 6.16
C PHE A 257 -6.23 -12.98 5.60
N ASP A 258 -6.25 -14.30 5.48
CA ASP A 258 -7.45 -15.02 5.04
C ASP A 258 -8.55 -14.90 6.10
N TYR A 259 -8.13 -14.88 7.37
CA TYR A 259 -9.02 -14.71 8.51
C TYR A 259 -9.54 -13.26 8.63
N LEU A 260 -8.62 -12.30 8.53
CA LEU A 260 -8.99 -10.88 8.59
C LEU A 260 -10.05 -10.51 7.54
N GLN A 261 -9.84 -10.94 6.30
CA GLN A 261 -10.82 -10.75 5.22
C GLN A 261 -12.17 -11.38 5.55
N SER A 262 -12.14 -12.53 6.23
CA SER A 262 -13.35 -13.25 6.60
C SER A 262 -14.14 -12.51 7.68
N VAL A 263 -13.45 -12.11 8.75
CA VAL A 263 -14.10 -11.49 9.91
C VAL A 263 -14.56 -10.06 9.61
N LEU A 264 -13.76 -9.33 8.82
CA LEU A 264 -14.11 -7.98 8.41
C LEU A 264 -15.37 -7.98 7.55
N ASP A 265 -15.51 -8.96 6.68
CA ASP A 265 -16.67 -9.01 5.78
C ASP A 265 -17.96 -9.28 6.53
N ASP A 266 -17.86 -10.07 7.58
CA ASP A 266 -18.96 -10.28 8.50
C ASP A 266 -19.11 -9.14 9.50
N PHE A 267 -19.34 -7.93 9.06
CA PHE A 267 -19.44 -6.84 10.01
C PHE A 267 -20.71 -6.02 9.91
N TYR A 268 -20.81 -5.22 8.85
CA TYR A 268 -21.80 -4.15 8.79
C TYR A 268 -21.69 -3.22 9.99
#